data_9LGV
#
_entry.id   9LGV
#
_cell.length_a   49.570
_cell.length_b   110.680
_cell.length_c   72.080
_cell.angle_alpha   90.00
_cell.angle_beta   109.34
_cell.angle_gamma   90.00
#
_symmetry.space_group_name_H-M   'P 1 21 1'
#
loop_
_entity.id
_entity.type
_entity.pdbx_description
1 polymer 'Membrane-associated tyrosine- and threonine-specific cdc2-inhibitory kinase'
2 non-polymer 'L(+)-TARTARIC ACID'
3 non-polymer 3-azanyl-7-chloranyl-4-(7-fluoranyl-1H-indazol-4-yl)-1H-1,5-naphthyridin-2-one
4 non-polymer 1,2-ETHANEDIOL
5 water water
#
_entity_poly.entity_id   1
_entity_poly.type   'polypeptide(L)'
_entity_poly.pdbx_seq_one_letter_code
;HQLQPRRVSFRGEASETLQSPGYDPSRPESFFQQSFQRLSRLGHGSYGEVFKVRSKEDGRLYAVKRSMSPFRGPKDRARK
LAEVGSHEKVGQHPCCVRLEQAWEEGGILYLQTELCGPSLQQHCEAWGASLPEAQVWGYLRDTLLALAHLHSQGLVHLDV
KPANIFLGPRGRCKLGDFGLLVELGTAGAGEVQEGDPRYMAPELLQGSYGTAADVFSLGLTILEVACNMELPHGGEGWQQ
LRQGYLPPEFTAGLSSELRSVLVMMLEPDPKLRATAEALLALPVLRQP
;
_entity_poly.pdbx_strand_id   A,B
#
loop_
_chem_comp.id
_chem_comp.type
_chem_comp.name
_chem_comp.formula
A1EJV non-polymer 3-azanyl-7-chloranyl-4-(7-fluoranyl-1H-indazol-4-yl)-1H-1,5-naphthyridin-2-one 'C15 H9 Cl F N5 O'
EDO non-polymer 1,2-ETHANEDIOL 'C2 H6 O2'
TLA non-polymer 'L(+)-TARTARIC ACID' 'C4 H6 O6'
#
# COMPACT_ATOMS: atom_id res chain seq x y z
N LEU A 3 -1.38 -24.64 30.26
CA LEU A 3 -0.75 -24.65 28.93
C LEU A 3 0.43 -23.69 28.86
N GLN A 4 1.59 -24.21 28.50
CA GLN A 4 2.68 -23.26 28.43
C GLN A 4 3.10 -23.00 26.99
N PRO A 5 3.48 -21.77 26.68
CA PRO A 5 4.18 -21.52 25.42
C PRO A 5 5.62 -22.00 25.55
N ARG A 6 6.10 -22.64 24.50
CA ARG A 6 7.46 -23.17 24.48
C ARG A 6 8.26 -22.43 23.43
N ARG A 7 9.36 -21.80 23.85
CA ARG A 7 10.21 -21.08 22.91
C ARG A 7 10.84 -22.06 21.94
N VAL A 8 10.76 -21.73 20.65
CA VAL A 8 11.42 -22.50 19.60
C VAL A 8 12.80 -21.87 19.41
N SER A 9 13.79 -22.45 20.07
CA SER A 9 15.12 -21.84 20.10
C SER A 9 15.80 -21.93 18.74
N PHE A 10 16.65 -20.93 18.46
CA PHE A 10 17.43 -20.87 17.23
C PHE A 10 18.55 -19.86 17.42
N ARG A 11 19.67 -20.11 16.76
CA ARG A 11 20.82 -19.21 16.85
C ARG A 11 20.47 -17.85 16.26
N GLY A 12 20.70 -16.79 17.03
CA GLY A 12 20.40 -15.44 16.59
C GLY A 12 19.08 -14.87 17.07
N GLU A 13 18.40 -15.53 18.01
CA GLU A 13 17.09 -15.08 18.50
C GLU A 13 17.15 -13.77 19.28
N ALA A 14 18.33 -13.31 19.70
CA ALA A 14 18.49 -12.06 20.45
C ALA A 14 17.89 -12.09 21.86
N SER A 15 17.00 -13.03 22.14
CA SER A 15 16.41 -13.13 23.47
C SER A 15 16.44 -14.58 23.93
N GLU A 16 16.80 -14.76 25.20
CA GLU A 16 16.88 -16.07 25.83
C GLU A 16 15.74 -16.40 26.79
N THR A 17 15.04 -15.39 27.31
CA THR A 17 13.98 -15.67 28.25
C THR A 17 12.74 -16.11 27.47
N GLN A 19 9.71 -15.85 28.43
CA GLN A 19 8.55 -15.04 28.78
C GLN A 19 8.98 -13.61 29.04
N SER A 20 8.04 -12.73 28.96
CA SER A 20 8.12 -11.30 29.26
C SER A 20 7.43 -11.02 30.59
N PRO A 21 7.84 -9.96 31.29
CA PRO A 21 7.21 -9.65 32.60
C PRO A 21 5.70 -9.50 32.54
N GLY A 22 5.14 -9.18 31.38
CA GLY A 22 3.70 -9.07 31.27
C GLY A 22 2.97 -10.39 31.22
N TYR A 23 3.67 -11.48 30.89
CA TYR A 23 3.02 -12.78 30.76
C TYR A 23 2.72 -13.35 32.13
N ASP A 24 1.44 -13.58 32.40
CA ASP A 24 1.00 -14.24 33.62
C ASP A 24 0.57 -15.66 33.28
N PRO A 25 1.38 -16.68 33.59
CA PRO A 25 1.04 -18.05 33.20
C PRO A 25 -0.27 -18.55 33.78
N SER A 26 -0.78 -17.91 34.83
CA SER A 26 -2.02 -18.33 35.47
C SER A 26 -3.27 -17.78 34.80
N ARG A 27 -3.10 -17.06 33.71
CA ARG A 27 -4.22 -16.48 32.96
C ARG A 27 -4.63 -17.40 31.81
N PRO A 28 -5.91 -17.35 31.41
CA PRO A 28 -6.35 -18.21 30.31
C PRO A 28 -5.85 -17.76 28.96
N GLU A 29 -5.59 -16.47 28.77
CA GLU A 29 -5.22 -15.94 27.47
C GLU A 29 -3.82 -16.41 27.05
N SER A 30 -3.66 -16.59 25.74
CA SER A 30 -2.40 -17.08 25.20
C SER A 30 -1.28 -16.07 25.39
N PHE A 31 -0.05 -16.56 25.27
CA PHE A 31 1.12 -15.69 25.34
C PHE A 31 1.05 -14.60 24.27
N PHE A 32 0.57 -14.95 23.07
CA PHE A 32 0.43 -13.95 22.02
C PHE A 32 -0.54 -12.86 22.43
N GLN A 33 -1.67 -13.24 23.05
CA GLN A 33 -2.63 -12.25 23.50
C GLN A 33 -2.04 -11.35 24.58
N GLN A 34 -1.32 -11.94 25.54
CA GLN A 34 -0.87 -11.16 26.69
C GLN A 34 0.33 -10.28 26.38
N SER A 35 1.17 -10.66 25.42
CA SER A 35 2.45 -10.01 25.20
C SER A 35 2.44 -9.06 24.00
N PHE A 36 1.36 -8.98 23.24
CA PHE A 36 1.35 -8.14 22.05
C PHE A 36 0.01 -7.41 21.93
N GLN A 37 0.10 -6.13 21.55
CA GLN A 37 -1.06 -5.34 21.15
C GLN A 37 -1.29 -5.55 19.65
N ARG A 38 -2.41 -6.15 19.30
CA ARG A 38 -2.73 -6.40 17.90
C ARG A 38 -3.22 -5.11 17.23
N LEU A 39 -2.52 -4.68 16.19
CA LEU A 39 -2.85 -3.44 15.48
C LEU A 39 -3.70 -3.68 14.23
N SER A 40 -3.31 -4.64 13.39
CA SER A 40 -4.05 -4.94 12.18
C SER A 40 -3.60 -6.29 11.64
N ARG A 41 -4.41 -6.85 10.76
CA ARG A 41 -4.07 -8.09 10.07
C ARG A 41 -3.47 -7.75 8.71
N LEU A 42 -2.19 -8.12 8.52
CA LEU A 42 -1.48 -7.83 7.28
C LEU A 42 -1.85 -8.81 6.16
N GLY A 43 -2.18 -10.05 6.52
CA GLY A 43 -2.56 -11.02 5.51
C GLY A 43 -3.10 -12.26 6.18
N HIS A 44 -3.68 -13.14 5.37
CA HIS A 44 -4.19 -14.42 5.87
C HIS A 44 -4.29 -15.39 4.71
N GLY A 45 -4.33 -16.67 5.07
CA GLY A 45 -4.48 -17.73 4.10
C GLY A 45 -4.72 -19.05 4.79
N SER A 46 -4.61 -20.13 4.02
CA SER A 46 -4.72 -21.46 4.60
C SER A 46 -3.59 -21.72 5.59
N TYR A 47 -2.47 -21.00 5.48
CA TYR A 47 -1.38 -21.16 6.43
C TYR A 47 -1.76 -20.61 7.81
N GLY A 48 -2.62 -19.59 7.85
CA GLY A 48 -2.90 -18.88 9.09
C GLY A 48 -3.06 -17.39 8.87
N GLU A 49 -2.48 -16.58 9.77
CA GLU A 49 -2.66 -15.14 9.74
C GLU A 49 -1.37 -14.45 10.14
N VAL A 50 -1.18 -13.24 9.61
CA VAL A 50 -0.05 -12.40 9.96
C VAL A 50 -0.60 -11.09 10.48
N PHE A 51 -0.19 -10.70 11.69
CA PHE A 51 -0.66 -9.49 12.33
C PHE A 51 0.48 -8.48 12.49
N LYS A 52 0.14 -7.20 12.35
CA LYS A 52 1.01 -6.12 12.76
C LYS A 52 0.75 -5.87 14.24
N VAL A 53 1.81 -5.92 15.05
CA VAL A 53 1.65 -5.87 16.50
C VAL A 53 2.67 -4.90 17.08
N ARG A 54 2.38 -4.48 18.31
CA ARG A 54 3.33 -3.77 19.17
C ARG A 54 3.58 -4.64 20.39
N SER A 55 4.85 -4.88 20.70
CA SER A 55 5.18 -5.67 21.88
C SER A 55 4.69 -4.94 23.13
N LYS A 56 3.96 -5.64 23.99
CA LYS A 56 3.60 -5.01 25.26
C LYS A 56 4.78 -4.85 26.20
N GLU A 57 5.93 -5.44 25.89
CA GLU A 57 7.07 -5.29 26.78
C GLU A 57 7.91 -4.06 26.45
N ASP A 58 8.18 -3.79 25.17
CA ASP A 58 8.98 -2.61 24.81
C ASP A 58 8.32 -1.72 23.78
N GLY A 59 7.09 -2.02 23.33
CA GLY A 59 6.39 -1.12 22.44
C GLY A 59 6.86 -1.11 21.01
N ARG A 60 7.70 -2.06 20.60
CA ARG A 60 8.21 -2.01 19.25
C ARG A 60 7.23 -2.69 18.29
N LEU A 61 7.32 -2.29 17.02
CA LEU A 61 6.50 -2.89 15.99
C LEU A 61 7.13 -4.19 15.51
N TYR A 62 6.32 -5.22 15.38
CA TYR A 62 6.76 -6.49 14.82
C TYR A 62 5.65 -7.04 13.93
N ALA A 63 5.98 -8.05 13.15
CA ALA A 63 4.98 -8.85 12.45
C ALA A 63 4.97 -10.25 13.05
N VAL A 64 3.78 -10.75 13.37
CA VAL A 64 3.64 -12.07 13.98
C VAL A 64 2.74 -12.92 13.09
N LYS A 65 3.27 -14.04 12.61
CA LYS A 65 2.50 -15.02 11.87
C LYS A 65 2.17 -16.20 12.78
N ARG A 66 0.92 -16.64 12.74
CA ARG A 66 0.49 -17.81 13.49
C ARG A 66 -0.18 -18.81 12.56
N SER A 67 0.11 -20.09 12.78
CA SER A 67 -0.53 -21.14 12.01
C SER A 67 -2.02 -21.21 12.34
N MET A 68 -2.78 -21.84 11.44
CA MET A 68 -4.23 -21.77 11.56
C MET A 68 -4.78 -22.80 12.55
N SER A 69 -4.37 -24.05 12.44
CA SER A 69 -4.93 -25.15 13.23
C SER A 69 -3.81 -25.82 14.02
N PRO A 70 -4.14 -26.49 15.13
CA PRO A 70 -3.10 -27.20 15.89
C PRO A 70 -2.39 -28.23 15.03
N PHE A 71 -1.15 -28.53 15.41
CA PHE A 71 -0.35 -29.54 14.70
C PHE A 71 -1.15 -30.83 14.56
N ARG A 72 -1.24 -31.34 13.33
CA ARG A 72 -1.94 -32.60 13.11
C ARG A 72 -1.10 -33.80 13.52
N GLY A 73 0.20 -33.62 13.68
CA GLY A 73 1.10 -34.70 14.04
C GLY A 73 2.54 -34.27 14.00
N PRO A 74 3.46 -35.21 14.26
CA PRO A 74 4.88 -34.86 14.23
C PRO A 74 5.38 -34.32 12.90
N LYS A 75 4.89 -34.86 11.78
CA LYS A 75 5.38 -34.38 10.49
C LYS A 75 4.86 -32.99 10.17
N ASP A 76 3.57 -32.75 10.45
CA ASP A 76 3.02 -31.42 10.31
C ASP A 76 3.81 -30.41 11.13
N ARG A 77 4.07 -30.76 12.39
CA ARG A 77 4.84 -29.87 13.26
C ARG A 77 6.25 -29.65 12.73
N ALA A 78 6.90 -30.71 12.25
CA ALA A 78 8.25 -30.58 11.71
C ALA A 78 8.28 -29.69 10.49
N ARG A 79 7.28 -29.82 9.60
CA ARG A 79 7.23 -28.95 8.42
C ARG A 79 7.08 -27.49 8.82
N LYS A 80 6.22 -27.21 9.79
CA LYS A 80 6.03 -25.82 10.21
C LYS A 80 7.26 -25.29 10.93
N LEU A 81 7.83 -26.08 11.83
CA LEU A 81 9.01 -25.63 12.57
C LEU A 81 10.21 -25.42 11.65
N ALA A 82 10.23 -26.07 10.47
CA ALA A 82 11.37 -25.93 9.57
C ALA A 82 11.57 -24.49 9.12
N GLU A 83 10.49 -23.70 9.06
CA GLU A 83 10.64 -22.30 8.70
C GLU A 83 11.50 -21.55 9.70
N VAL A 84 11.47 -21.95 10.97
CA VAL A 84 12.34 -21.31 11.95
C VAL A 84 13.79 -21.71 11.70
N GLY A 85 14.03 -22.98 11.40
CA GLY A 85 15.38 -23.41 11.09
C GLY A 85 15.95 -22.72 9.86
N SER A 86 15.10 -22.43 8.88
CA SER A 86 15.56 -21.73 7.68
C SER A 86 15.97 -20.29 8.00
N HIS A 87 15.19 -19.60 8.83
CA HIS A 87 15.60 -18.29 9.31
C HIS A 87 16.95 -18.37 10.02
N GLU A 88 17.16 -19.43 10.80
CA GLU A 88 18.43 -19.62 11.48
C GLU A 88 19.57 -19.78 10.48
N LYS A 89 19.34 -20.52 9.39
CA LYS A 89 20.40 -20.70 8.40
C LYS A 89 20.67 -19.43 7.61
N VAL A 90 19.65 -18.59 7.43
CA VAL A 90 19.84 -17.34 6.71
C VAL A 90 20.67 -16.38 7.54
N GLY A 91 20.31 -16.19 8.80
CA GLY A 91 21.01 -15.25 9.63
C GLY A 91 20.62 -13.82 9.30
N GLN A 92 21.43 -12.89 9.80
CA GLN A 92 21.13 -11.47 9.66
C GLN A 92 21.68 -10.94 8.34
N HIS A 93 20.84 -10.19 7.62
CA HIS A 93 21.24 -9.53 6.40
C HIS A 93 20.26 -8.39 6.17
N PRO A 94 20.73 -7.22 5.73
CA PRO A 94 19.81 -6.08 5.59
C PRO A 94 18.69 -6.29 4.60
N CYS A 95 18.85 -7.23 3.66
CA CYS A 95 17.82 -7.47 2.64
C CYS A 95 17.05 -8.76 2.91
N CYS A 96 17.13 -9.31 4.12
CA CYS A 96 16.38 -10.49 4.51
C CYS A 96 15.58 -10.19 5.75
N VAL A 97 14.34 -10.69 5.79
CA VAL A 97 13.48 -10.48 6.96
C VAL A 97 14.10 -11.18 8.17
N ARG A 98 14.34 -10.42 9.22
CA ARG A 98 14.94 -10.96 10.44
C ARG A 98 13.89 -11.59 11.33
N LEU A 99 14.13 -12.82 11.75
CA LEU A 99 13.27 -13.47 12.75
C LEU A 99 13.74 -13.06 14.13
N GLU A 100 12.84 -12.48 14.92
CA GLU A 100 13.20 -12.11 16.28
C GLU A 100 13.10 -13.32 17.21
N GLN A 101 11.93 -13.95 17.25
CA GLN A 101 11.76 -15.13 18.08
C GLN A 101 10.57 -15.93 17.57
N ALA A 102 10.50 -17.18 17.98
CA ALA A 102 9.41 -18.07 17.63
C ALA A 102 9.08 -18.95 18.82
N TRP A 103 7.81 -19.30 18.95
CA TRP A 103 7.35 -20.15 20.04
C TRP A 103 6.13 -20.93 19.56
N GLU A 104 5.77 -21.95 20.32
CA GLU A 104 4.58 -22.74 20.06
C GLU A 104 3.71 -22.74 21.30
N GLU A 105 2.40 -22.74 21.10
CA GLU A 105 1.47 -22.84 22.23
C GLU A 105 0.17 -23.44 21.72
N GLY A 106 -0.31 -24.47 22.41
CA GLY A 106 -1.55 -25.13 22.02
C GLY A 106 -1.49 -25.73 20.63
N GLY A 107 -0.31 -26.15 20.18
CA GLY A 107 -0.16 -26.68 18.84
C GLY A 107 -0.10 -25.64 17.74
N ILE A 108 -0.09 -24.36 18.09
CA ILE A 108 -0.02 -23.27 17.13
C ILE A 108 1.40 -22.72 17.13
N LEU A 109 1.94 -22.46 15.94
CA LEU A 109 3.29 -21.93 15.78
C LEU A 109 3.24 -20.43 15.54
N TYR A 110 4.05 -19.68 16.28
CA TYR A 110 4.12 -18.23 16.18
C TYR A 110 5.52 -17.82 15.77
N LEU A 111 5.63 -16.97 14.75
CA LEU A 111 6.90 -16.42 14.29
C LEU A 111 6.83 -14.90 14.37
N GLN A 112 7.71 -14.31 15.18
CA GLN A 112 7.78 -12.87 15.37
C GLN A 112 8.99 -12.33 14.61
N THR A 113 8.75 -11.49 13.61
CA THR A 113 9.80 -10.92 12.78
C THR A 113 9.80 -9.41 12.89
N GLU A 114 10.83 -8.79 12.32
CA GLU A 114 10.82 -7.35 12.13
C GLU A 114 9.66 -6.95 11.24
N LEU A 115 9.12 -5.75 11.47
CA LEU A 115 8.06 -5.21 10.63
C LEU A 115 8.70 -4.45 9.46
N CYS A 116 8.40 -4.89 8.24
CA CYS A 116 8.91 -4.23 7.04
C CYS A 116 7.83 -3.41 6.35
N GLY A 117 6.70 -4.03 6.01
CA GLY A 117 5.67 -3.39 5.27
C GLY A 117 4.89 -4.40 4.45
N PRO A 118 4.13 -3.94 3.48
CA PRO A 118 3.32 -4.86 2.67
C PRO A 118 4.19 -5.69 1.75
N SER A 119 3.63 -6.82 1.33
CA SER A 119 4.33 -7.62 0.34
C SER A 119 4.36 -6.87 -0.98
N LEU A 120 5.33 -7.24 -1.83
CA LEU A 120 5.40 -6.66 -3.16
C LEU A 120 4.12 -6.92 -3.95
N GLN A 121 3.48 -8.05 -3.70
CA GLN A 121 2.19 -8.34 -4.32
C GLN A 121 1.15 -7.31 -3.89
N GLN A 122 1.05 -7.04 -2.59
CA GLN A 122 0.09 -6.04 -2.11
C GLN A 122 0.40 -4.66 -2.67
N HIS A 123 1.68 -4.30 -2.74
CA HIS A 123 2.06 -2.98 -3.25
C HIS A 123 1.64 -2.82 -4.70
N CYS A 124 1.85 -3.86 -5.51
CA CYS A 124 1.45 -3.80 -6.92
C CYS A 124 -0.07 -3.74 -7.06
N GLU A 125 -0.81 -4.41 -6.18
CA GLU A 125 -2.27 -4.34 -6.22
C GLU A 125 -2.75 -2.91 -6.00
N ALA A 126 -2.10 -2.18 -5.09
CA ALA A 126 -2.49 -0.80 -4.81
C ALA A 126 -2.05 0.16 -5.91
N TRP A 127 -0.87 -0.07 -6.50
CA TRP A 127 -0.41 0.83 -7.54
C TRP A 127 -1.23 0.70 -8.82
N GLY A 128 -1.76 -0.48 -9.09
CA GLY A 128 -2.73 -0.64 -10.16
C GLY A 128 -2.23 -0.43 -11.57
N ALA A 129 -0.94 -0.63 -11.82
CA ALA A 129 -0.36 -0.48 -13.14
C ALA A 129 1.04 -1.10 -13.10
N SER A 130 1.76 -1.00 -14.22
CA SER A 130 3.17 -1.36 -14.18
C SER A 130 3.90 -0.41 -13.24
N LEU A 131 4.76 -0.96 -12.40
CA LEU A 131 5.52 -0.11 -11.50
C LEU A 131 6.50 0.74 -12.29
N PRO A 132 6.72 1.99 -11.90
CA PRO A 132 7.79 2.77 -12.51
C PRO A 132 9.10 1.99 -12.47
N GLU A 133 9.75 1.91 -13.62
CA GLU A 133 10.87 0.99 -13.76
C GLU A 133 11.99 1.29 -12.78
N ALA A 134 12.10 2.55 -12.34
CA ALA A 134 13.11 2.89 -11.34
C ALA A 134 12.84 2.19 -10.02
N GLN A 135 11.57 2.09 -9.62
CA GLN A 135 11.22 1.29 -8.45
C GLN A 135 11.55 -0.18 -8.67
N VAL A 136 11.32 -0.68 -9.88
CA VAL A 136 11.56 -2.09 -10.18
C VAL A 136 13.03 -2.44 -10.02
N TRP A 137 13.92 -1.56 -10.50
CA TRP A 137 15.35 -1.82 -10.39
C TRP A 137 15.78 -1.94 -8.93
N GLY A 138 15.25 -1.10 -8.06
CA GLY A 138 15.60 -1.18 -6.65
C GLY A 138 15.19 -2.49 -6.01
N TYR A 139 13.97 -2.95 -6.31
CA TYR A 139 13.51 -4.23 -5.78
C TYR A 139 14.32 -5.38 -6.36
N LEU A 140 14.65 -5.31 -7.65
CA LEU A 140 15.47 -6.35 -8.26
C LEU A 140 16.84 -6.42 -7.59
N ARG A 141 17.45 -5.26 -7.34
CA ARG A 141 18.77 -5.23 -6.73
C ARG A 141 18.74 -5.71 -5.28
N ASP A 142 17.75 -5.26 -4.51
CA ASP A 142 17.67 -5.66 -3.10
C ASP A 142 17.41 -7.15 -2.97
N THR A 143 16.57 -7.72 -3.82
CA THR A 143 16.32 -9.15 -3.73
C THR A 143 17.50 -9.95 -4.26
N LEU A 144 18.23 -9.42 -5.25
CA LEU A 144 19.45 -10.08 -5.69
C LEU A 144 20.50 -10.06 -4.59
N LEU A 145 20.57 -8.95 -3.83
CA LEU A 145 21.46 -8.94 -2.67
C LEU A 145 21.07 -10.03 -1.68
N ALA A 146 19.77 -10.17 -1.42
CA ALA A 146 19.30 -11.24 -0.54
C ALA A 146 19.67 -12.61 -1.11
N LEU A 147 19.39 -12.82 -2.39
CA LEU A 147 19.71 -14.10 -3.01
C LEU A 147 21.21 -14.40 -2.98
N ALA A 148 22.03 -13.38 -3.19
CA ALA A 148 23.48 -13.57 -3.12
C ALA A 148 23.91 -14.00 -1.72
N HIS A 149 23.24 -13.47 -0.71
CA HIS A 149 23.53 -13.88 0.67
C HIS A 149 23.14 -15.33 0.90
N LEU A 150 21.94 -15.71 0.45
CA LEU A 150 21.49 -17.10 0.62
C LEU A 150 22.39 -18.07 -0.13
N HIS A 151 22.72 -17.74 -1.39
CA HIS A 151 23.43 -18.67 -2.24
C HIS A 151 24.87 -18.84 -1.82
N SER A 152 25.50 -17.79 -1.29
CA SER A 152 26.85 -17.92 -0.75
C SER A 152 26.90 -18.85 0.44
N GLN A 153 25.75 -19.21 1.01
CA GLN A 153 25.67 -20.14 2.13
C GLN A 153 25.05 -21.48 1.72
N GLY A 154 24.93 -21.74 0.42
CA GLY A 154 24.38 -23.00 -0.04
C GLY A 154 22.90 -23.13 0.22
N LEU A 155 22.17 -22.03 0.28
CA LEU A 155 20.74 -22.03 0.54
C LEU A 155 20.00 -21.65 -0.73
N VAL A 156 18.89 -22.35 -0.99
CA VAL A 156 18.00 -22.04 -2.10
C VAL A 156 16.64 -21.70 -1.51
N HIS A 157 16.14 -20.52 -1.84
CA HIS A 157 14.85 -20.07 -1.30
C HIS A 157 13.71 -20.94 -1.82
N LEU A 158 13.65 -21.15 -3.14
CA LEU A 158 12.70 -21.98 -3.86
C LEU A 158 11.28 -21.41 -3.89
N ASP A 159 11.04 -20.22 -3.37
CA ASP A 159 9.70 -19.64 -3.39
C ASP A 159 9.77 -18.14 -3.60
N VAL A 160 10.69 -17.69 -4.46
CA VAL A 160 10.82 -16.27 -4.74
C VAL A 160 9.63 -15.84 -5.58
N LYS A 161 8.86 -14.88 -5.07
CA LYS A 161 7.68 -14.35 -5.76
C LYS A 161 7.23 -13.08 -5.06
N PRO A 162 6.36 -12.27 -5.69
CA PRO A 162 5.97 -10.99 -5.05
C PRO A 162 5.40 -11.14 -3.66
N ALA A 163 4.68 -12.23 -3.38
CA ALA A 163 4.10 -12.42 -2.06
C ALA A 163 5.16 -12.63 -0.98
N ASN A 164 6.39 -12.98 -1.36
CA ASN A 164 7.44 -13.26 -0.39
C ASN A 164 8.54 -12.22 -0.39
N ILE A 165 8.30 -11.07 -1.01
CA ILE A 165 9.18 -9.91 -0.93
C ILE A 165 8.40 -8.80 -0.25
N PHE A 166 9.03 -8.12 0.69
CA PHE A 166 8.34 -7.17 1.55
C PHE A 166 9.04 -5.83 1.52
N LEU A 167 8.27 -4.75 1.44
CA LEU A 167 8.84 -3.42 1.22
C LEU A 167 9.08 -2.72 2.55
N GLY A 168 10.29 -2.21 2.71
CA GLY A 168 10.64 -1.41 3.85
C GLY A 168 10.63 0.06 3.46
N PRO A 169 11.09 0.91 4.36
CA PRO A 169 11.06 2.34 4.07
C PRO A 169 12.03 2.74 2.96
N ARG A 170 11.75 3.90 2.38
CA ARG A 170 12.58 4.53 1.35
C ARG A 170 12.78 3.60 0.15
N GLY A 171 11.72 2.91 -0.24
CA GLY A 171 11.71 2.13 -1.47
C GLY A 171 12.58 0.89 -1.48
N ARG A 172 13.01 0.41 -0.32
CA ARG A 172 13.80 -0.80 -0.22
C ARG A 172 12.90 -1.99 0.08
N CYS A 173 13.42 -3.20 -0.15
CA CYS A 173 12.65 -4.39 0.12
C CYS A 173 13.54 -5.49 0.67
N LYS A 174 12.90 -6.49 1.28
CA LYS A 174 13.57 -7.63 1.90
C LYS A 174 12.91 -8.92 1.46
N LEU A 175 13.74 -9.92 1.18
CA LEU A 175 13.24 -11.26 0.88
C LEU A 175 12.84 -11.96 2.17
N GLY A 176 11.66 -12.57 2.16
CA GLY A 176 11.19 -13.26 3.35
C GLY A 176 10.53 -14.58 3.04
N ASP A 177 9.73 -15.08 3.98
CA ASP A 177 8.97 -16.32 3.85
C ASP A 177 9.86 -17.48 3.41
N PHE A 178 10.70 -17.90 4.35
CA PHE A 178 11.69 -18.94 4.12
C PHE A 178 11.16 -20.34 4.41
N GLY A 179 9.85 -20.55 4.30
CA GLY A 179 9.27 -21.84 4.64
C GLY A 179 9.67 -22.97 3.71
N LEU A 180 10.02 -22.66 2.47
CA LEU A 180 10.41 -23.68 1.50
C LEU A 180 11.92 -23.75 1.31
N LEU A 181 12.69 -22.93 2.03
CA LEU A 181 14.13 -22.90 1.84
C LEU A 181 14.74 -24.26 2.12
N VAL A 182 15.72 -24.64 1.29
CA VAL A 182 16.46 -25.88 1.47
C VAL A 182 17.94 -25.55 1.46
N GLU A 183 18.71 -26.35 2.18
CA GLU A 183 20.16 -26.24 2.18
C GLU A 183 20.72 -27.30 1.24
N LEU A 184 21.43 -26.87 0.20
CA LEU A 184 22.09 -27.80 -0.70
C LEU A 184 23.10 -28.64 0.07
N VAL A 192 12.32 -30.82 0.14
CA VAL A 192 11.79 -29.91 -0.86
C VAL A 192 10.29 -30.13 -0.98
N GLN A 193 9.54 -29.03 -1.01
CA GLN A 193 8.08 -29.03 -1.09
C GLN A 193 7.60 -28.53 -2.44
N GLU A 194 6.29 -28.62 -2.64
CA GLU A 194 5.68 -28.11 -3.86
C GLU A 194 5.86 -26.61 -3.96
N GLY A 195 6.41 -26.15 -5.07
CA GLY A 195 6.55 -24.72 -5.31
C GLY A 195 5.39 -24.15 -6.09
N ASP A 196 5.45 -22.84 -6.31
CA ASP A 196 4.48 -22.14 -7.13
C ASP A 196 4.86 -22.31 -8.59
N PRO A 197 4.07 -23.05 -9.38
CA PRO A 197 4.47 -23.30 -10.77
C PRO A 197 4.60 -22.04 -11.62
N ARG A 198 3.95 -20.94 -11.25
CA ARG A 198 4.07 -19.73 -12.05
C ARG A 198 5.50 -19.21 -12.10
N TYR A 199 6.26 -19.40 -11.02
CA TYR A 199 7.61 -18.86 -10.93
C TYR A 199 8.67 -19.94 -11.00
N MET A 200 8.30 -21.16 -11.36
CA MET A 200 9.19 -22.31 -11.24
C MET A 200 10.20 -22.35 -12.39
N ALA A 201 11.47 -22.54 -12.03
CA ALA A 201 12.50 -22.70 -13.04
C ALA A 201 12.27 -24.00 -13.82
N PRO A 202 12.59 -24.01 -15.11
CA PRO A 202 12.32 -25.21 -15.92
C PRO A 202 13.03 -26.45 -15.42
N GLU A 203 14.25 -26.31 -14.90
CA GLU A 203 15.00 -27.48 -14.48
C GLU A 203 14.40 -28.15 -13.25
N LEU A 204 13.56 -27.44 -12.49
CA LEU A 204 12.91 -28.07 -11.34
C LEU A 204 11.98 -29.20 -11.77
N LEU A 205 11.37 -29.07 -12.95
CA LEU A 205 10.53 -30.15 -13.45
C LEU A 205 11.31 -31.45 -13.61
N GLN A 206 12.55 -31.37 -14.08
CA GLN A 206 13.36 -32.56 -14.23
C GLN A 206 14.12 -32.92 -12.95
N GLY A 207 13.71 -32.36 -11.82
CA GLY A 207 14.30 -32.71 -10.54
C GLY A 207 15.67 -32.15 -10.27
N SER A 208 16.10 -31.10 -10.99
CA SER A 208 17.41 -30.49 -10.81
C SER A 208 17.26 -29.22 -9.97
N TYR A 209 17.77 -29.27 -8.74
CA TYR A 209 17.65 -28.17 -7.77
C TYR A 209 19.00 -27.50 -7.55
N GLY A 210 19.03 -26.19 -7.70
CA GLY A 210 20.23 -25.42 -7.43
C GLY A 210 19.86 -23.99 -7.10
N THR A 211 20.87 -23.20 -6.75
CA THR A 211 20.65 -21.79 -6.49
C THR A 211 20.15 -21.07 -7.74
N ALA A 212 20.47 -21.60 -8.92
CA ALA A 212 20.03 -20.98 -10.17
C ALA A 212 18.52 -20.86 -10.25
N ALA A 213 17.79 -21.75 -9.58
CA ALA A 213 16.33 -21.70 -9.64
C ALA A 213 15.79 -20.40 -9.06
N ASP A 214 16.45 -19.86 -8.03
CA ASP A 214 16.00 -18.59 -7.46
C ASP A 214 16.16 -17.45 -8.44
N VAL A 215 17.24 -17.45 -9.23
CA VAL A 215 17.46 -16.37 -10.18
C VAL A 215 16.37 -16.38 -11.24
N PHE A 216 15.99 -17.56 -11.72
CA PHE A 216 14.90 -17.65 -12.68
C PHE A 216 13.59 -17.19 -12.08
N SER A 217 13.31 -17.59 -10.83
CA SER A 217 12.07 -17.17 -10.17
C SER A 217 12.04 -15.67 -10.00
N LEU A 218 13.17 -15.06 -9.64
CA LEU A 218 13.23 -13.61 -9.54
C LEU A 218 13.03 -12.96 -10.91
N GLY A 219 13.54 -13.59 -11.97
CA GLY A 219 13.33 -13.06 -13.31
C GLY A 219 11.86 -12.97 -13.66
N LEU A 220 11.10 -14.03 -13.38
CA LEU A 220 9.65 -13.99 -13.62
C LEU A 220 8.96 -13.06 -12.65
N THR A 221 9.43 -12.98 -11.41
CA THR A 221 8.87 -12.04 -10.44
C THR A 221 9.00 -10.60 -10.94
N ILE A 222 10.18 -10.24 -11.44
CA ILE A 222 10.39 -8.90 -11.96
C ILE A 222 9.56 -8.68 -13.21
N LEU A 223 9.50 -9.68 -14.08
CA LEU A 223 8.69 -9.57 -15.29
C LEU A 223 7.23 -9.31 -14.94
N GLU A 224 6.72 -9.94 -13.88
CA GLU A 224 5.33 -9.77 -13.50
C GLU A 224 5.04 -8.34 -13.04
N VAL A 225 5.86 -7.82 -12.12
CA VAL A 225 5.57 -6.51 -11.55
C VAL A 225 5.89 -5.40 -12.54
N ALA A 226 6.86 -5.62 -13.44
CA ALA A 226 7.26 -4.59 -14.37
C ALA A 226 6.36 -4.51 -15.60
N CYS A 227 5.58 -5.54 -15.87
CA CYS A 227 4.68 -5.55 -17.01
C CYS A 227 3.23 -5.68 -16.60
N ASN A 228 2.96 -5.81 -15.30
CA ASN A 228 1.60 -5.93 -14.77
C ASN A 228 0.84 -7.06 -15.44
N MET A 229 1.56 -8.11 -15.83
CA MET A 229 0.97 -9.26 -16.49
C MET A 229 0.86 -10.41 -15.48
N GLU A 230 -0.16 -11.24 -15.67
CA GLU A 230 -0.36 -12.40 -14.81
C GLU A 230 0.33 -13.61 -15.42
N LEU A 231 1.08 -14.34 -14.58
CA LEU A 231 1.87 -15.46 -15.08
C LEU A 231 1.05 -16.75 -15.13
N PRO A 232 1.27 -17.58 -16.14
CA PRO A 232 0.47 -18.80 -16.29
C PRO A 232 0.94 -19.91 -15.35
N HIS A 233 -0.03 -20.67 -14.84
CA HIS A 233 0.26 -21.83 -13.99
C HIS A 233 0.77 -23.01 -14.78
N GLY A 234 0.44 -23.09 -16.06
CA GLY A 234 0.84 -24.23 -16.86
C GLY A 234 0.45 -24.03 -18.30
N GLY A 235 0.48 -25.13 -19.05
CA GLY A 235 0.06 -25.08 -20.44
C GLY A 235 1.08 -24.40 -21.34
N GLU A 236 0.61 -24.05 -22.54
CA GLU A 236 1.50 -23.52 -23.56
C GLU A 236 2.15 -22.22 -23.12
N GLY A 237 1.37 -21.32 -22.49
CA GLY A 237 1.93 -20.07 -22.01
C GLY A 237 3.05 -20.26 -21.01
N TRP A 238 2.93 -21.25 -20.13
CA TRP A 238 4.01 -21.59 -19.21
C TRP A 238 5.27 -21.97 -19.98
N GLN A 239 5.11 -22.78 -21.03
CA GLN A 239 6.23 -23.21 -21.83
C GLN A 239 6.87 -22.04 -22.58
N GLN A 240 6.06 -21.05 -22.98
CA GLN A 240 6.59 -19.89 -23.72
C GLN A 240 7.67 -19.17 -22.93
N LEU A 241 7.51 -19.10 -21.61
CA LEU A 241 8.42 -18.36 -20.73
C LEU A 241 9.66 -19.14 -20.34
N ARG A 242 9.79 -20.41 -20.75
CA ARG A 242 10.93 -21.23 -20.40
C ARG A 242 11.83 -21.55 -21.60
N GLN A 243 11.70 -20.80 -22.69
CA GLN A 243 12.47 -21.05 -23.91
C GLN A 243 13.59 -20.04 -24.16
N GLY A 244 13.81 -19.10 -23.25
CA GLY A 244 14.86 -18.12 -23.36
C GLY A 244 14.44 -16.76 -23.86
N TYR A 245 13.31 -16.66 -24.55
CA TYR A 245 12.80 -15.39 -25.04
C TYR A 245 11.68 -14.85 -24.15
N LEU A 246 11.41 -13.56 -24.30
CA LEU A 246 10.28 -12.95 -23.63
C LEU A 246 9.09 -12.84 -24.58
N PRO A 247 7.89 -13.19 -24.12
CA PRO A 247 6.68 -12.96 -24.92
C PRO A 247 6.54 -11.49 -25.28
N PRO A 248 6.24 -11.19 -26.54
CA PRO A 248 6.45 -9.81 -27.03
C PRO A 248 5.44 -8.78 -26.55
N GLU A 249 4.23 -9.16 -26.13
CA GLU A 249 3.19 -8.17 -25.86
C GLU A 249 3.58 -7.26 -24.70
N PHE A 250 3.80 -7.83 -23.52
CA PHE A 250 4.02 -7.01 -22.35
C PHE A 250 5.45 -6.50 -22.26
N THR A 251 6.37 -7.08 -23.00
CA THR A 251 7.75 -6.62 -22.98
C THR A 251 7.98 -5.36 -23.78
N ALA A 252 6.93 -4.76 -24.33
CA ALA A 252 7.12 -3.56 -25.15
C ALA A 252 7.60 -2.38 -24.33
N GLY A 253 7.03 -2.20 -23.13
CA GLY A 253 7.36 -1.05 -22.32
C GLY A 253 8.67 -1.15 -21.58
N LEU A 254 9.27 -2.33 -21.52
CA LEU A 254 10.52 -2.50 -20.80
C LEU A 254 11.67 -1.86 -21.56
N SER A 255 12.59 -1.24 -20.83
CA SER A 255 13.76 -0.66 -21.46
C SER A 255 14.68 -1.75 -22.00
N SER A 256 15.56 -1.35 -22.92
CA SER A 256 16.56 -2.27 -23.45
C SER A 256 17.37 -2.91 -22.35
N GLU A 257 17.72 -2.14 -21.31
CA GLU A 257 18.55 -2.66 -20.23
C GLU A 257 17.78 -3.67 -19.38
N LEU A 258 16.52 -3.36 -19.06
CA LEU A 258 15.74 -4.28 -18.22
C LEU A 258 15.48 -5.59 -18.95
N ARG A 259 15.05 -5.51 -20.21
CA ARG A 259 14.90 -6.73 -21.01
C ARG A 259 16.18 -7.53 -21.05
N SER A 260 17.32 -6.84 -21.19
CA SER A 260 18.60 -7.52 -21.26
C SER A 260 18.89 -8.32 -20.00
N VAL A 261 18.61 -7.73 -18.83
CA VAL A 261 18.84 -8.45 -17.58
C VAL A 261 17.87 -9.60 -17.44
N LEU A 262 16.61 -9.40 -17.78
CA LEU A 262 15.62 -10.47 -17.63
C LEU A 262 15.94 -11.65 -18.55
N VAL A 263 16.47 -11.39 -19.74
CA VAL A 263 16.86 -12.49 -20.61
C VAL A 263 17.97 -13.31 -19.95
N MET A 264 18.92 -12.64 -19.30
CA MET A 264 19.98 -13.35 -18.59
C MET A 264 19.43 -14.19 -17.46
N MET A 265 18.48 -13.65 -16.70
CA MET A 265 17.93 -14.38 -15.56
C MET A 265 17.06 -15.56 -16.00
N LEU A 266 16.40 -15.44 -17.15
CA LEU A 266 15.50 -16.46 -17.65
C LEU A 266 16.18 -17.43 -18.61
N GLU A 267 17.51 -17.51 -18.59
CA GLU A 267 18.23 -18.52 -19.35
C GLU A 267 17.74 -19.90 -18.94
N PRO A 268 17.23 -20.72 -19.86
CA PRO A 268 16.64 -22.01 -19.44
C PRO A 268 17.65 -22.99 -18.88
N ASP A 269 18.89 -22.97 -19.34
CA ASP A 269 19.91 -23.89 -18.86
C ASP A 269 20.53 -23.36 -17.58
N PRO A 270 20.30 -24.01 -16.44
CA PRO A 270 20.88 -23.50 -15.19
C PRO A 270 22.40 -23.49 -15.19
N LYS A 271 23.04 -24.37 -15.97
CA LYS A 271 24.49 -24.34 -16.08
C LYS A 271 24.99 -23.02 -16.66
N LEU A 272 24.18 -22.36 -17.48
CA LEU A 272 24.57 -21.13 -18.14
C LEU A 272 23.94 -19.90 -17.52
N ARG A 273 22.92 -20.06 -16.68
CA ARG A 273 22.20 -18.93 -16.11
C ARG A 273 23.11 -18.14 -15.18
N ALA A 274 23.06 -16.82 -15.32
CA ALA A 274 23.87 -15.93 -14.49
C ALA A 274 23.51 -16.10 -13.01
N THR A 275 24.50 -15.93 -12.15
CA THR A 275 24.28 -15.97 -10.71
C THR A 275 23.92 -14.59 -10.19
N ALA A 276 23.45 -14.56 -8.94
CA ALA A 276 23.10 -13.29 -8.31
C ALA A 276 24.31 -12.36 -8.25
N GLU A 277 25.48 -12.89 -7.91
CA GLU A 277 26.68 -12.08 -7.86
C GLU A 277 27.06 -11.54 -9.23
N ALA A 278 26.94 -12.38 -10.26
CA ALA A 278 27.25 -11.92 -11.62
C ALA A 278 26.31 -10.79 -12.04
N LEU A 279 25.01 -10.94 -11.75
CA LEU A 279 24.05 -9.91 -12.08
C LEU A 279 24.36 -8.60 -11.36
N LEU A 280 24.63 -8.68 -10.06
CA LEU A 280 24.91 -7.48 -9.28
C LEU A 280 26.17 -6.75 -9.74
N ALA A 281 27.07 -7.44 -10.44
CA ALA A 281 28.27 -6.81 -10.96
C ALA A 281 28.07 -6.16 -12.32
N LEU A 282 26.89 -6.28 -12.90
CA LEU A 282 26.64 -5.64 -14.20
C LEU A 282 26.50 -4.14 -14.01
N PRO A 283 26.88 -3.34 -15.02
CA PRO A 283 26.76 -1.88 -14.88
C PRO A 283 25.36 -1.42 -14.52
N VAL A 284 24.32 -2.04 -15.07
CA VAL A 284 22.96 -1.58 -14.82
C VAL A 284 22.56 -1.77 -13.36
N LEU A 285 23.16 -2.75 -12.67
CA LEU A 285 22.83 -3.07 -11.29
C LEU A 285 23.81 -2.47 -10.28
N ARG A 286 24.54 -1.43 -10.68
CA ARG A 286 25.43 -0.72 -9.79
C ARG A 286 24.66 0.04 -8.72
N GLN A 287 25.25 0.07 -7.52
CA GLN A 287 24.72 0.72 -6.31
C GLN A 287 23.78 1.91 -6.56
N LEU B 3 -34.89 -6.89 -3.71
CA LEU B 3 -33.95 -5.78 -3.57
C LEU B 3 -33.26 -5.47 -4.89
N GLN B 4 -33.47 -4.27 -5.41
CA GLN B 4 -32.86 -3.81 -6.64
C GLN B 4 -31.96 -2.60 -6.36
N PRO B 5 -30.90 -2.41 -7.13
CA PRO B 5 -30.12 -1.17 -7.01
C PRO B 5 -30.86 0.01 -7.61
N ARG B 6 -30.75 1.16 -6.93
CA ARG B 6 -31.35 2.41 -7.39
C ARG B 6 -30.22 3.37 -7.70
N ARG B 7 -30.15 3.83 -8.94
CA ARG B 7 -29.11 4.77 -9.34
C ARG B 7 -29.29 6.11 -8.63
N VAL B 8 -28.21 6.61 -8.05
CA VAL B 8 -28.21 7.97 -7.46
C VAL B 8 -27.68 8.88 -8.56
N SER B 9 -28.61 9.47 -9.31
CA SER B 9 -28.24 10.25 -10.49
C SER B 9 -27.59 11.57 -10.09
N PHE B 10 -26.74 12.06 -10.98
CA PHE B 10 -26.06 13.34 -10.82
C PHE B 10 -25.55 13.78 -12.18
N ARG B 11 -25.47 15.09 -12.39
CA ARG B 11 -24.97 15.60 -13.66
C ARG B 11 -23.51 15.19 -13.82
N GLY B 12 -23.21 14.57 -14.97
CA GLY B 12 -21.88 14.10 -15.27
C GLY B 12 -21.64 12.62 -15.04
N GLU B 13 -22.68 11.85 -14.73
CA GLU B 13 -22.51 10.42 -14.56
C GLU B 13 -22.18 9.79 -15.91
N ALA B 14 -21.38 8.72 -15.88
CA ALA B 14 -20.92 8.12 -17.13
C ALA B 14 -22.00 7.32 -17.85
N SER B 15 -23.02 6.85 -17.14
CA SER B 15 -24.06 6.03 -17.75
C SER B 15 -25.43 6.48 -17.29
N GLU B 16 -26.41 6.29 -18.16
CA GLU B 16 -27.77 6.67 -17.87
C GLU B 16 -28.56 5.51 -17.29
N THR B 17 -28.15 4.28 -17.58
CA THR B 17 -28.75 3.06 -17.09
C THR B 17 -27.80 2.35 -16.13
N LEU B 18 -28.36 1.79 -15.07
CA LEU B 18 -27.59 0.93 -14.16
C LEU B 18 -27.68 -0.47 -14.72
N GLN B 19 -26.66 -0.90 -15.45
CA GLN B 19 -26.68 -2.21 -16.11
C GLN B 19 -25.29 -2.79 -16.14
N SER B 20 -25.22 -4.10 -16.36
CA SER B 20 -23.94 -4.79 -16.52
C SER B 20 -24.15 -6.22 -17.04
N PRO B 21 -23.18 -6.75 -17.79
CA PRO B 21 -23.31 -8.13 -18.28
C PRO B 21 -23.40 -9.16 -17.16
N GLY B 22 -22.79 -8.88 -16.01
CA GLY B 22 -22.82 -9.81 -14.89
C GLY B 22 -24.08 -9.78 -14.07
N TYR B 23 -24.83 -8.67 -14.13
CA TYR B 23 -25.99 -8.51 -13.24
C TYR B 23 -27.19 -9.30 -13.74
N ASP B 24 -27.64 -10.24 -12.92
CA ASP B 24 -28.90 -10.95 -13.11
C ASP B 24 -29.85 -10.49 -12.02
N PRO B 25 -30.86 -9.67 -12.32
CA PRO B 25 -31.73 -9.14 -11.25
C PRO B 25 -32.42 -10.21 -10.43
N SER B 26 -32.49 -11.44 -10.91
CA SER B 26 -33.10 -12.54 -10.18
C SER B 26 -32.13 -13.28 -9.26
N ARG B 27 -30.85 -12.84 -9.19
CA ARG B 27 -29.89 -13.48 -8.30
C ARG B 27 -29.82 -12.72 -6.99
N PRO B 28 -29.47 -13.40 -5.88
CA PRO B 28 -29.44 -12.70 -4.58
C PRO B 28 -28.29 -11.73 -4.44
N GLU B 29 -27.20 -11.89 -5.18
CA GLU B 29 -26.03 -11.05 -5.01
C GLU B 29 -26.33 -9.62 -5.44
N SER B 30 -25.66 -8.67 -4.80
CA SER B 30 -25.87 -7.25 -5.09
C SER B 30 -25.36 -6.91 -6.49
N PHE B 31 -25.79 -5.75 -6.98
CA PHE B 31 -25.29 -5.26 -8.26
C PHE B 31 -23.77 -5.11 -8.22
N PHE B 32 -23.24 -4.65 -7.10
CA PHE B 32 -21.79 -4.53 -6.96
C PHE B 32 -21.10 -5.88 -7.10
N GLN B 33 -21.64 -6.92 -6.46
CA GLN B 33 -21.04 -8.24 -6.55
C GLN B 33 -21.05 -8.76 -7.97
N GLN B 34 -22.18 -8.62 -8.66
CA GLN B 34 -22.37 -9.24 -9.96
C GLN B 34 -21.67 -8.48 -11.09
N SER B 35 -21.50 -7.17 -10.94
CA SER B 35 -21.13 -6.31 -12.06
C SER B 35 -19.66 -5.92 -12.07
N PHE B 36 -18.89 -6.32 -11.07
CA PHE B 36 -17.50 -5.93 -10.99
C PHE B 36 -16.66 -7.12 -10.58
N GLN B 37 -15.48 -7.23 -11.19
CA GLN B 37 -14.48 -8.18 -10.72
C GLN B 37 -13.72 -7.50 -9.58
N ARG B 38 -13.91 -7.98 -8.36
CA ARG B 38 -13.24 -7.39 -7.22
C ARG B 38 -11.77 -7.83 -7.23
N LEU B 39 -10.87 -6.86 -7.37
CA LEU B 39 -9.45 -7.15 -7.51
C LEU B 39 -8.68 -7.06 -6.20
N SER B 40 -8.91 -6.01 -5.41
CA SER B 40 -8.23 -5.87 -4.13
C SER B 40 -8.95 -4.81 -3.32
N ARG B 41 -8.69 -4.81 -2.01
CA ARG B 41 -9.24 -3.79 -1.12
C ARG B 41 -8.20 -2.70 -0.93
N LEU B 42 -8.53 -1.49 -1.37
CA LEU B 42 -7.59 -0.37 -1.28
C LEU B 42 -7.52 0.19 0.13
N GLY B 43 -8.63 0.15 0.86
CA GLY B 43 -8.64 0.65 2.23
C GLY B 43 -9.96 0.34 2.87
N HIS B 44 -10.02 0.55 4.18
CA HIS B 44 -11.25 0.35 4.92
C HIS B 44 -11.21 1.20 6.18
N GLY B 45 -12.40 1.45 6.73
CA GLY B 45 -12.54 2.21 7.94
C GLY B 45 -13.96 2.13 8.46
N SER B 46 -14.27 2.99 9.43
CA SER B 46 -15.63 3.04 9.95
C SER B 46 -16.64 3.47 8.89
N TYR B 47 -16.19 4.16 7.85
CA TYR B 47 -17.09 4.56 6.76
C TYR B 47 -17.54 3.36 5.94
N GLY B 48 -16.70 2.33 5.85
CA GLY B 48 -16.94 1.23 4.94
C GLY B 48 -15.65 0.74 4.31
N GLU B 49 -15.67 0.46 3.00
CA GLU B 49 -14.53 -0.14 2.32
C GLU B 49 -14.40 0.44 0.91
N VAL B 50 -13.17 0.45 0.42
CA VAL B 50 -12.87 0.86 -0.95
C VAL B 50 -12.16 -0.29 -1.65
N PHE B 51 -12.70 -0.71 -2.80
CA PHE B 51 -12.16 -1.81 -3.56
C PHE B 51 -11.64 -1.31 -4.90
N LYS B 52 -10.55 -1.92 -5.36
CA LYS B 52 -10.13 -1.79 -6.75
C LYS B 52 -10.84 -2.87 -7.56
N VAL B 53 -11.54 -2.45 -8.61
CA VAL B 53 -12.36 -3.37 -9.40
C VAL B 53 -12.13 -3.11 -10.87
N ARG B 54 -12.52 -4.07 -11.70
CA ARG B 54 -12.63 -3.88 -13.13
C ARG B 54 -14.10 -4.02 -13.51
N SER B 55 -14.62 -2.98 -14.17
CA SER B 55 -16.01 -2.98 -14.60
C SER B 55 -16.23 -4.04 -15.68
N LYS B 56 -17.25 -4.87 -15.49
CA LYS B 56 -17.65 -5.83 -16.51
C LYS B 56 -18.33 -5.16 -17.70
N GLU B 57 -18.71 -3.89 -17.56
CA GLU B 57 -19.44 -3.17 -18.61
C GLU B 57 -18.50 -2.60 -19.66
N ASP B 58 -17.37 -2.04 -19.25
CA ASP B 58 -16.43 -1.45 -20.19
C ASP B 58 -15.00 -1.94 -20.03
N GLY B 59 -14.73 -2.83 -19.08
CA GLY B 59 -13.41 -3.40 -18.92
C GLY B 59 -12.37 -2.49 -18.32
N ARG B 60 -12.76 -1.30 -17.85
CA ARG B 60 -11.84 -0.36 -17.24
C ARG B 60 -11.75 -0.56 -15.73
N LEU B 61 -10.63 -0.10 -15.15
CA LEU B 61 -10.43 -0.16 -13.71
C LEU B 61 -11.06 1.03 -13.02
N TYR B 62 -11.70 0.75 -11.87
CA TYR B 62 -12.29 1.79 -11.04
C TYR B 62 -12.00 1.48 -9.58
N ALA B 63 -12.26 2.47 -8.73
CA ALA B 63 -12.31 2.30 -7.30
C ALA B 63 -13.76 2.47 -6.87
N VAL B 64 -14.26 1.54 -6.08
CA VAL B 64 -15.64 1.57 -5.64
C VAL B 64 -15.65 1.58 -4.12
N LYS B 65 -16.26 2.61 -3.54
CA LYS B 65 -16.46 2.71 -2.11
C LYS B 65 -17.88 2.32 -1.77
N ARG B 66 -18.04 1.48 -0.74
CA ARG B 66 -19.36 1.13 -0.25
C ARG B 66 -19.43 1.44 1.23
N SER B 67 -20.56 1.97 1.66
CA SER B 67 -20.77 2.27 3.06
C SER B 67 -20.82 0.97 3.88
N MET B 68 -20.62 1.11 5.18
CA MET B 68 -20.44 -0.06 6.04
C MET B 68 -21.77 -0.70 6.41
N SER B 69 -22.71 0.08 6.91
CA SER B 69 -23.97 -0.41 7.45
C SER B 69 -25.15 0.21 6.73
N PRO B 70 -26.31 -0.44 6.73
CA PRO B 70 -27.48 0.17 6.10
C PRO B 70 -27.82 1.52 6.72
N PHE B 71 -28.49 2.35 5.93
CA PHE B 71 -28.92 3.68 6.38
C PHE B 71 -29.68 3.56 7.69
N ARG B 72 -29.27 4.37 8.67
CA ARG B 72 -29.95 4.39 9.96
C ARG B 72 -31.23 5.21 9.94
N GLY B 73 -31.41 6.07 8.94
CA GLY B 73 -32.56 6.91 8.86
C GLY B 73 -32.42 7.90 7.72
N PRO B 74 -33.42 8.77 7.54
CA PRO B 74 -33.32 9.76 6.46
C PRO B 74 -32.12 10.67 6.56
N LYS B 75 -31.75 11.09 7.78
CA LYS B 75 -30.62 11.99 7.92
C LYS B 75 -29.30 11.28 7.66
N ASP B 76 -29.13 10.07 8.18
CA ASP B 76 -27.96 9.27 7.85
C ASP B 76 -27.83 9.09 6.34
N ARG B 77 -28.94 8.74 5.69
CA ARG B 77 -28.94 8.58 4.24
C ARG B 77 -28.60 9.90 3.54
N ALA B 78 -29.22 10.99 3.98
CA ALA B 78 -28.96 12.29 3.36
C ALA B 78 -27.51 12.69 3.52
N ARG B 79 -26.93 12.45 4.70
CA ARG B 79 -25.53 12.78 4.93
C ARG B 79 -24.61 12.00 3.99
N LYS B 80 -24.90 10.72 3.78
CA LYS B 80 -24.07 9.92 2.89
C LYS B 80 -24.26 10.32 1.43
N LEU B 81 -25.50 10.56 1.02
CA LEU B 81 -25.75 10.92 -0.38
C LEU B 81 -25.15 12.28 -0.72
N ALA B 82 -24.89 13.12 0.29
CA ALA B 82 -24.33 14.45 0.03
C ALA B 82 -22.98 14.38 -0.64
N GLU B 83 -22.22 13.30 -0.40
CA GLU B 83 -20.94 13.16 -1.08
C GLU B 83 -21.12 13.07 -2.59
N VAL B 84 -22.24 12.51 -3.05
CA VAL B 84 -22.52 12.50 -4.49
C VAL B 84 -22.82 13.90 -4.99
N GLY B 85 -23.60 14.66 -4.21
CA GLY B 85 -23.87 16.04 -4.59
C GLY B 85 -22.62 16.89 -4.65
N SER B 86 -21.66 16.63 -3.75
CA SER B 86 -20.42 17.39 -3.76
C SER B 86 -19.60 17.08 -5.02
N HIS B 87 -19.52 15.81 -5.41
CA HIS B 87 -18.90 15.45 -6.67
C HIS B 87 -19.59 16.14 -7.84
N GLU B 88 -20.92 16.24 -7.80
CA GLU B 88 -21.64 16.90 -8.86
C GLU B 88 -21.24 18.36 -8.97
N LYS B 89 -21.07 19.03 -7.84
CA LYS B 89 -20.71 20.45 -7.85
C LYS B 89 -19.27 20.65 -8.29
N VAL B 90 -18.39 19.69 -8.00
CA VAL B 90 -17.00 19.83 -8.43
C VAL B 90 -16.89 19.66 -9.93
N GLY B 91 -17.49 18.61 -10.47
CA GLY B 91 -17.37 18.36 -11.90
C GLY B 91 -16.01 17.78 -12.25
N GLN B 92 -15.72 17.79 -13.55
CA GLN B 92 -14.50 17.19 -14.07
C GLN B 92 -13.35 18.17 -14.02
N HIS B 93 -12.20 17.69 -13.52
CA HIS B 93 -10.96 18.45 -13.49
C HIS B 93 -9.82 17.45 -13.38
N PRO B 94 -8.69 17.67 -14.07
CA PRO B 94 -7.63 16.65 -14.06
C PRO B 94 -7.03 16.38 -12.69
N CYS B 95 -7.17 17.30 -11.74
CA CYS B 95 -6.60 17.13 -10.41
C CYS B 95 -7.66 16.81 -9.35
N CYS B 96 -8.86 16.44 -9.77
CA CYS B 96 -9.92 16.05 -8.86
C CYS B 96 -10.42 14.66 -9.22
N VAL B 97 -10.67 13.83 -8.21
CA VAL B 97 -11.18 12.47 -8.45
C VAL B 97 -12.58 12.56 -9.05
N ARG B 98 -12.74 12.00 -10.24
CA ARG B 98 -14.03 12.04 -10.93
C ARG B 98 -14.91 10.87 -10.49
N LEU B 99 -16.16 11.20 -10.14
CA LEU B 99 -17.15 10.18 -9.84
C LEU B 99 -17.79 9.70 -11.13
N GLU B 100 -17.74 8.40 -11.37
CA GLU B 100 -18.32 7.75 -12.55
C GLU B 100 -19.80 7.44 -12.38
N GLN B 101 -20.16 6.73 -11.31
CA GLN B 101 -21.54 6.35 -11.08
C GLN B 101 -21.74 6.16 -9.59
N ALA B 102 -22.99 6.28 -9.16
CA ALA B 102 -23.35 6.09 -7.77
C ALA B 102 -24.72 5.44 -7.71
N TRP B 103 -24.90 4.56 -6.74
CA TRP B 103 -26.18 3.88 -6.56
C TRP B 103 -26.29 3.41 -5.12
N GLU B 104 -27.50 3.05 -4.74
CA GLU B 104 -27.77 2.48 -3.43
C GLU B 104 -28.47 1.14 -3.61
N GLU B 105 -28.16 0.20 -2.71
CA GLU B 105 -28.85 -1.08 -2.70
C GLU B 105 -28.80 -1.64 -1.29
N GLY B 106 -29.95 -2.06 -0.77
CA GLY B 106 -30.01 -2.59 0.58
C GLY B 106 -29.60 -1.60 1.64
N GLY B 107 -29.83 -0.32 1.41
CA GLY B 107 -29.41 0.71 2.34
C GLY B 107 -27.94 1.03 2.32
N ILE B 108 -27.18 0.44 1.40
CA ILE B 108 -25.75 0.66 1.26
C ILE B 108 -25.53 1.59 0.07
N LEU B 109 -24.63 2.56 0.25
CA LEU B 109 -24.31 3.52 -0.80
C LEU B 109 -23.01 3.11 -1.50
N TYR B 110 -23.03 3.12 -2.83
CA TYR B 110 -21.88 2.75 -3.64
C TYR B 110 -21.44 3.94 -4.48
N LEU B 111 -20.16 4.27 -4.41
CA LEU B 111 -19.56 5.34 -5.21
C LEU B 111 -18.46 4.74 -6.06
N GLN B 112 -18.63 4.82 -7.38
CA GLN B 112 -17.67 4.29 -8.34
C GLN B 112 -16.91 5.48 -8.94
N THR B 113 -15.62 5.56 -8.66
CA THR B 113 -14.78 6.65 -9.14
C THR B 113 -13.69 6.11 -10.06
N GLU B 114 -13.04 7.03 -10.76
CA GLU B 114 -11.85 6.66 -11.52
C GLU B 114 -10.80 6.10 -10.58
N LEU B 115 -10.00 5.17 -11.10
CA LEU B 115 -8.92 4.58 -10.33
C LEU B 115 -7.68 5.47 -10.47
N CYS B 116 -7.21 5.99 -9.34
CA CYS B 116 -6.01 6.81 -9.30
CA CYS B 116 -6.01 6.82 -9.29
C CYS B 116 -4.84 6.05 -8.68
N GLY B 117 -4.98 5.60 -7.44
CA GLY B 117 -3.93 4.89 -6.76
C GLY B 117 -4.05 5.05 -5.26
N PRO B 118 -2.98 4.73 -4.53
CA PRO B 118 -3.03 4.84 -3.07
C PRO B 118 -3.09 6.29 -2.62
N SER B 119 -3.63 6.49 -1.41
CA SER B 119 -3.65 7.82 -0.84
C SER B 119 -2.23 8.27 -0.47
N LEU B 120 -2.07 9.58 -0.37
CA LEU B 120 -0.82 10.16 0.08
C LEU B 120 -0.46 9.67 1.48
N GLN B 121 -1.46 9.43 2.33
CA GLN B 121 -1.23 8.87 3.64
C GLN B 121 -0.61 7.48 3.55
N GLN B 122 -1.19 6.62 2.71
CA GLN B 122 -0.64 5.28 2.54
C GLN B 122 0.78 5.32 1.99
N HIS B 123 1.02 6.20 1.01
CA HIS B 123 2.37 6.31 0.45
C HIS B 123 3.38 6.74 1.50
N CYS B 124 3.02 7.72 2.34
CA CYS B 124 3.96 8.18 3.36
C CYS B 124 4.21 7.11 4.41
N GLU B 125 3.18 6.35 4.78
CA GLU B 125 3.37 5.25 5.72
C GLU B 125 4.30 4.20 5.14
N ALA B 126 4.19 3.93 3.83
CA ALA B 126 5.08 2.98 3.20
C ALA B 126 6.48 3.54 3.04
N TRP B 127 6.59 4.85 2.78
CA TRP B 127 7.90 5.45 2.59
C TRP B 127 8.67 5.51 3.90
N GLY B 128 7.97 5.66 5.02
CA GLY B 128 8.62 5.56 6.31
C GLY B 128 9.60 6.66 6.61
N ALA B 129 9.48 7.81 5.95
CA ALA B 129 10.37 8.95 6.16
C ALA B 129 9.74 10.17 5.50
N SER B 130 10.45 11.29 5.59
CA SER B 130 10.06 12.48 4.83
C SER B 130 10.14 12.21 3.34
N LEU B 131 9.14 12.69 2.62
CA LEU B 131 9.14 12.54 1.17
C LEU B 131 10.25 13.40 0.57
N PRO B 132 10.95 12.90 -0.46
CA PRO B 132 11.88 13.77 -1.20
C PRO B 132 11.17 15.01 -1.69
N GLU B 133 11.80 16.18 -1.48
CA GLU B 133 11.09 17.44 -1.67
C GLU B 133 10.58 17.63 -3.09
N ALA B 134 11.23 17.00 -4.07
CA ALA B 134 10.75 17.12 -5.45
C ALA B 134 9.36 16.50 -5.62
N GLN B 135 9.09 15.38 -4.94
CA GLN B 135 7.75 14.83 -4.94
C GLN B 135 6.76 15.79 -4.28
N VAL B 136 7.19 16.43 -3.20
CA VAL B 136 6.31 17.30 -2.44
C VAL B 136 5.84 18.47 -3.29
N TRP B 137 6.74 19.06 -4.09
CA TRP B 137 6.36 20.18 -4.94
C TRP B 137 5.28 19.76 -5.94
N GLY B 138 5.41 18.57 -6.52
CA GLY B 138 4.40 18.11 -7.47
C GLY B 138 3.03 17.92 -6.83
N TYR B 139 3.01 17.30 -5.65
CA TYR B 139 1.75 17.12 -4.94
C TYR B 139 1.17 18.47 -4.53
N LEU B 140 2.03 19.40 -4.11
CA LEU B 140 1.58 20.72 -3.72
C LEU B 140 0.93 21.44 -4.90
N ARG B 141 1.55 21.38 -6.08
CA ARG B 141 1.00 22.10 -7.22
C ARG B 141 -0.29 21.46 -7.70
N ASP B 142 -0.33 20.12 -7.76
CA ASP B 142 -1.53 19.43 -8.23
C ASP B 142 -2.71 19.67 -7.29
N THR B 143 -2.46 19.66 -5.98
CA THR B 143 -3.55 19.88 -5.05
C THR B 143 -3.97 21.35 -5.03
N LEU B 144 -3.01 22.27 -5.25
CA LEU B 144 -3.37 23.67 -5.39
C LEU B 144 -4.22 23.89 -6.64
N LEU B 145 -3.91 23.19 -7.73
CA LEU B 145 -4.75 23.28 -8.92
C LEU B 145 -6.17 22.81 -8.62
N ALA B 146 -6.31 21.69 -7.91
CA ALA B 146 -7.64 21.21 -7.54
C ALA B 146 -8.37 22.24 -6.69
N LEU B 147 -7.68 22.77 -5.68
CA LEU B 147 -8.29 23.78 -4.81
C LEU B 147 -8.67 25.03 -5.59
N ALA B 148 -7.84 25.42 -6.56
CA ALA B 148 -8.17 26.58 -7.39
C ALA B 148 -9.44 26.33 -8.19
N HIS B 149 -9.63 25.10 -8.66
CA HIS B 149 -10.86 24.75 -9.38
C HIS B 149 -12.06 24.79 -8.45
N LEU B 150 -11.94 24.22 -7.25
CA LEU B 150 -13.04 24.23 -6.29
C LEU B 150 -13.38 25.66 -5.86
N HIS B 151 -12.36 26.47 -5.57
CA HIS B 151 -12.61 27.78 -5.01
C HIS B 151 -13.17 28.74 -6.04
N SER B 152 -12.79 28.59 -7.31
CA SER B 152 -13.39 29.40 -8.37
C SER B 152 -14.88 29.13 -8.51
N GLN B 153 -15.39 28.06 -7.90
CA GLN B 153 -16.80 27.72 -7.95
C GLN B 153 -17.49 27.90 -6.59
N GLY B 154 -16.85 28.61 -5.67
CA GLY B 154 -17.45 28.84 -4.37
C GLY B 154 -17.56 27.59 -3.52
N LEU B 155 -16.67 26.62 -3.74
CA LEU B 155 -16.66 25.37 -3.00
C LEU B 155 -15.45 25.33 -2.07
N VAL B 156 -15.67 24.84 -0.85
CA VAL B 156 -14.61 24.63 0.13
C VAL B 156 -14.57 23.16 0.48
N HIS B 157 -13.40 22.53 0.34
CA HIS B 157 -13.26 21.11 0.59
C HIS B 157 -13.43 20.79 2.07
N LEU B 158 -12.73 21.52 2.93
CA LEU B 158 -12.80 21.43 4.39
C LEU B 158 -12.21 20.15 4.96
N ASP B 159 -11.60 19.30 4.16
CA ASP B 159 -10.99 18.06 4.66
C ASP B 159 -9.73 17.72 3.89
N VAL B 160 -8.94 18.74 3.56
CA VAL B 160 -7.69 18.52 2.85
C VAL B 160 -6.67 17.92 3.81
N LYS B 161 -6.20 16.72 3.48
CA LYS B 161 -5.21 16.03 4.29
C LYS B 161 -4.66 14.84 3.50
N PRO B 162 -3.56 14.22 3.93
CA PRO B 162 -2.98 13.12 3.14
C PRO B 162 -3.95 11.99 2.82
N ALA B 163 -4.91 11.72 3.70
CA ALA B 163 -5.85 10.64 3.46
C ALA B 163 -6.78 10.92 2.30
N ASN B 164 -6.92 12.19 1.89
CA ASN B 164 -7.87 12.55 0.84
C ASN B 164 -7.19 13.05 -0.42
N ILE B 165 -5.89 12.77 -0.56
CA ILE B 165 -5.14 13.03 -1.77
C ILE B 165 -4.65 11.68 -2.28
N PHE B 166 -4.78 11.46 -3.59
CA PHE B 166 -4.55 10.13 -4.15
C PHE B 166 -3.54 10.22 -5.29
N LEU B 167 -2.63 9.26 -5.31
CA LEU B 167 -1.43 9.31 -6.14
C LEU B 167 -1.66 8.55 -7.44
N GLY B 168 -1.38 9.19 -8.57
CA GLY B 168 -1.40 8.55 -9.87
C GLY B 168 0.00 8.31 -10.42
N PRO B 169 0.09 7.87 -11.67
CA PRO B 169 1.41 7.66 -12.30
C PRO B 169 2.10 8.98 -12.57
N ARG B 170 3.42 8.89 -12.77
CA ARG B 170 4.26 10.04 -13.10
C ARG B 170 4.15 11.17 -12.07
N GLY B 171 4.07 10.78 -10.80
CA GLY B 171 4.15 11.77 -9.74
C GLY B 171 2.98 12.71 -9.64
N ARG B 172 1.85 12.39 -10.27
CA ARG B 172 0.69 13.25 -10.16
C ARG B 172 -0.21 12.78 -9.03
N CYS B 173 -1.07 13.69 -8.56
CA CYS B 173 -2.03 13.35 -7.51
C CYS B 173 -3.33 14.10 -7.78
N LYS B 174 -4.39 13.63 -7.13
CA LYS B 174 -5.72 14.20 -7.27
C LYS B 174 -6.35 14.36 -5.90
N LEU B 175 -7.04 15.48 -5.71
CA LEU B 175 -7.82 15.70 -4.50
C LEU B 175 -9.13 14.93 -4.60
N GLY B 176 -9.48 14.21 -3.53
CA GLY B 176 -10.71 13.46 -3.50
C GLY B 176 -11.43 13.55 -2.17
N ASP B 177 -12.32 12.59 -1.92
CA ASP B 177 -13.08 12.49 -0.68
C ASP B 177 -13.76 13.83 -0.35
N PHE B 178 -14.78 14.13 -1.15
CA PHE B 178 -15.52 15.39 -1.04
C PHE B 178 -16.70 15.30 -0.09
N GLY B 179 -16.65 14.40 0.89
CA GLY B 179 -17.78 14.21 1.79
C GLY B 179 -18.08 15.39 2.69
N LEU B 180 -17.08 16.24 2.98
CA LEU B 180 -17.28 17.40 3.83
C LEU B 180 -17.39 18.69 3.04
N LEU B 181 -17.32 18.63 1.72
CA LEU B 181 -17.34 19.83 0.89
C LEU B 181 -18.62 20.62 1.09
N VAL B 182 -18.51 21.95 1.10
CA VAL B 182 -19.66 22.83 1.20
C VAL B 182 -19.60 23.86 0.09
N GLU B 183 -20.77 24.32 -0.33
CA GLU B 183 -20.88 25.42 -1.27
C GLU B 183 -21.16 26.69 -0.47
N LEU B 184 -20.28 27.68 -0.59
CA LEU B 184 -20.48 28.94 0.09
C LEU B 184 -21.77 29.60 -0.38
N GLY B 185 -22.62 29.98 0.57
CA GLY B 185 -23.88 30.62 0.24
C GLY B 185 -24.94 30.50 1.30
N VAL B 192 -22.18 22.58 7.68
CA VAL B 192 -20.76 22.28 7.89
C VAL B 192 -20.63 21.22 8.98
N GLN B 193 -19.73 20.26 8.76
CA GLN B 193 -19.52 19.16 9.67
C GLN B 193 -18.20 19.34 10.42
N GLU B 194 -18.00 18.49 11.44
CA GLU B 194 -16.77 18.50 12.21
C GLU B 194 -15.59 18.08 11.34
N GLY B 195 -14.55 18.91 11.30
CA GLY B 195 -13.34 18.58 10.60
C GLY B 195 -12.31 17.91 11.48
N ASP B 196 -11.18 17.58 10.87
CA ASP B 196 -10.02 17.04 11.56
C ASP B 196 -9.26 18.20 12.20
N PRO B 197 -9.24 18.30 13.52
CA PRO B 197 -8.58 19.45 14.15
C PRO B 197 -7.10 19.57 13.82
N ARG B 198 -6.44 18.48 13.43
CA ARG B 198 -5.02 18.52 13.11
C ARG B 198 -4.74 19.46 11.93
N TYR B 199 -5.65 19.53 10.96
CA TYR B 199 -5.45 20.32 9.76
C TYR B 199 -6.32 21.57 9.71
N MET B 200 -6.96 21.94 10.81
CA MET B 200 -7.99 22.96 10.80
C MET B 200 -7.38 24.36 10.79
N ALA B 201 -7.89 25.23 9.92
CA ALA B 201 -7.47 26.62 9.91
C ALA B 201 -7.91 27.32 11.19
N PRO B 202 -7.13 28.31 11.66
CA PRO B 202 -7.48 28.95 12.95
C PRO B 202 -8.85 29.61 12.95
N GLU B 203 -9.25 30.21 11.83
CA GLU B 203 -10.50 30.95 11.80
C GLU B 203 -11.72 30.04 11.90
N LEU B 204 -11.56 28.75 11.61
CA LEU B 204 -12.68 27.82 11.75
C LEU B 204 -13.15 27.74 13.20
N LEU B 205 -12.24 27.94 14.15
CA LEU B 205 -12.61 27.95 15.56
C LEU B 205 -13.65 29.02 15.86
N GLN B 206 -13.49 30.19 15.26
CA GLN B 206 -14.40 31.33 15.43
C GLN B 206 -15.53 31.36 14.42
N GLY B 207 -15.81 30.23 13.77
CA GLY B 207 -16.97 30.17 12.90
C GLY B 207 -16.82 30.89 11.58
N SER B 208 -15.59 31.15 11.15
CA SER B 208 -15.34 31.81 9.88
C SER B 208 -14.98 30.75 8.85
N TYR B 209 -15.89 30.49 7.92
CA TYR B 209 -15.72 29.44 6.94
C TYR B 209 -15.53 30.09 5.58
N GLY B 210 -14.40 29.79 4.94
CA GLY B 210 -14.12 30.31 3.61
C GLY B 210 -13.14 29.41 2.89
N THR B 211 -12.87 29.76 1.64
CA THR B 211 -11.89 29.01 0.86
C THR B 211 -10.50 29.07 1.47
N ALA B 212 -10.22 30.11 2.27
CA ALA B 212 -8.91 30.22 2.91
C ALA B 212 -8.61 29.03 3.79
N ALA B 213 -9.65 28.38 4.33
CA ALA B 213 -9.42 27.24 5.22
C ALA B 213 -8.74 26.09 4.50
N ASP B 214 -9.03 25.89 3.22
CA ASP B 214 -8.39 24.80 2.48
C ASP B 214 -6.90 25.07 2.29
N VAL B 215 -6.53 26.33 2.03
CA VAL B 215 -5.12 26.64 1.81
C VAL B 215 -4.30 26.35 3.06
N PHE B 216 -4.84 26.70 4.23
CA PHE B 216 -4.14 26.40 5.48
C PHE B 216 -4.01 24.90 5.69
N SER B 217 -5.08 24.15 5.41
CA SER B 217 -5.03 22.70 5.59
C SER B 217 -4.00 22.07 4.69
N LEU B 218 -3.91 22.53 3.43
CA LEU B 218 -2.89 22.01 2.53
C LEU B 218 -1.49 22.35 3.02
N GLY B 219 -1.34 23.53 3.63
CA GLY B 219 -0.05 23.90 4.19
C GLY B 219 0.41 22.92 5.26
N LEU B 220 -0.49 22.56 6.18
CA LEU B 220 -0.13 21.58 7.19
C LEU B 220 0.04 20.20 6.57
N THR B 221 -0.74 19.87 5.55
CA THR B 221 -0.60 18.60 4.85
C THR B 221 0.80 18.48 4.25
N ILE B 222 1.25 19.54 3.57
CA ILE B 222 2.59 19.52 2.98
C ILE B 222 3.65 19.49 4.06
N LEU B 223 3.46 20.28 5.13
CA LEU B 223 4.41 20.25 6.25
C LEU B 223 4.52 18.85 6.84
N GLU B 224 3.39 18.14 6.95
CA GLU B 224 3.41 16.80 7.54
C GLU B 224 4.19 15.82 6.69
N VAL B 225 3.87 15.75 5.39
CA VAL B 225 4.50 14.74 4.55
C VAL B 225 5.94 15.11 4.20
N ALA B 226 6.28 16.40 4.18
CA ALA B 226 7.63 16.81 3.84
C ALA B 226 8.58 16.76 5.03
N CYS B 227 8.06 16.70 6.25
CA CYS B 227 8.88 16.63 7.45
C CYS B 227 8.63 15.37 8.26
N ASN B 228 7.73 14.49 7.82
CA ASN B 228 7.41 13.24 8.53
C ASN B 228 7.03 13.50 9.99
N MET B 229 6.39 14.64 10.25
CA MET B 229 6.01 14.97 11.61
C MET B 229 4.52 14.72 11.83
N GLU B 230 4.17 14.40 13.07
CA GLU B 230 2.79 14.20 13.47
C GLU B 230 2.18 15.52 13.90
N LEU B 231 0.98 15.81 13.40
CA LEU B 231 0.36 17.08 13.74
C LEU B 231 -0.43 16.94 15.04
N PRO B 232 -0.39 17.95 15.89
CA PRO B 232 -1.07 17.84 17.19
C PRO B 232 -2.57 18.11 17.06
N HIS B 233 -3.34 17.37 17.88
CA HIS B 233 -4.79 17.55 17.90
C HIS B 233 -5.22 18.81 18.63
N GLY B 234 -4.40 19.30 19.55
CA GLY B 234 -4.76 20.46 20.32
C GLY B 234 -3.62 20.89 21.21
N GLY B 235 -3.93 21.72 22.19
CA GLY B 235 -2.92 22.13 23.14
C GLY B 235 -1.92 23.11 22.54
N GLU B 236 -0.80 23.26 23.25
CA GLU B 236 0.21 24.24 22.86
C GLU B 236 0.75 23.96 21.47
N GLY B 237 1.07 22.71 21.17
CA GLY B 237 1.60 22.38 19.86
C GLY B 237 0.66 22.78 18.72
N TRP B 238 -0.64 22.60 18.95
CA TRP B 238 -1.63 23.07 17.97
C TRP B 238 -1.55 24.57 17.79
N GLN B 239 -1.49 25.31 18.91
CA GLN B 239 -1.46 26.77 18.84
C GLN B 239 -0.16 27.26 18.20
N GLN B 240 0.96 26.59 18.47
CA GLN B 240 2.23 27.03 17.90
C GLN B 240 2.19 27.02 16.37
N LEU B 241 1.43 26.11 15.77
CA LEU B 241 1.36 26.06 14.31
C LEU B 241 0.37 27.09 13.75
N ARG B 242 -0.33 27.83 14.60
CA ARG B 242 -1.32 28.83 14.17
C ARG B 242 -0.86 30.25 14.47
N GLN B 243 0.42 30.46 14.76
CA GLN B 243 0.94 31.77 15.10
C GLN B 243 1.70 32.41 13.95
N GLY B 244 1.74 31.78 12.78
CA GLY B 244 2.38 32.34 11.61
C GLY B 244 3.78 31.82 11.33
N TYR B 245 4.46 31.27 12.33
CA TYR B 245 5.81 30.78 12.15
C TYR B 245 5.82 29.26 12.00
N LEU B 246 6.93 28.74 11.49
CA LEU B 246 7.12 27.30 11.50
C LEU B 246 7.98 26.90 12.69
N PRO B 247 7.58 25.89 13.45
CA PRO B 247 8.46 25.38 14.52
C PRO B 247 9.76 24.88 13.95
N PRO B 248 10.90 25.23 14.58
CA PRO B 248 12.20 25.00 13.94
C PRO B 248 12.64 23.55 13.95
N GLU B 249 12.00 22.70 14.75
CA GLU B 249 12.48 21.35 14.98
C GLU B 249 12.52 20.55 13.67
N PHE B 250 11.35 20.32 13.08
CA PHE B 250 11.22 19.44 11.92
C PHE B 250 11.41 20.16 10.60
N THR B 251 11.31 21.49 10.59
CA THR B 251 11.44 22.31 9.39
C THR B 251 12.89 22.53 8.96
N ALA B 252 13.85 21.81 9.55
CA ALA B 252 15.24 22.06 9.22
C ALA B 252 15.55 21.68 7.77
N GLY B 253 14.99 20.58 7.29
CA GLY B 253 15.29 20.11 5.94
C GLY B 253 14.62 20.86 4.81
N LEU B 254 13.69 21.75 5.11
CA LEU B 254 12.95 22.44 4.06
C LEU B 254 13.82 23.47 3.35
N SER B 255 13.65 23.55 2.04
CA SER B 255 14.34 24.57 1.26
C SER B 255 13.80 25.95 1.60
N SER B 256 14.60 26.97 1.28
CA SER B 256 14.15 28.34 1.45
C SER B 256 12.85 28.59 0.70
N GLU B 257 12.73 28.03 -0.51
CA GLU B 257 11.54 28.24 -1.32
C GLU B 257 10.31 27.56 -0.72
N LEU B 258 10.45 26.31 -0.30
CA LEU B 258 9.31 25.60 0.27
C LEU B 258 8.87 26.23 1.59
N ARG B 259 9.84 26.51 2.48
CA ARG B 259 9.53 27.19 3.72
C ARG B 259 8.80 28.51 3.47
N SER B 260 9.22 29.25 2.44
CA SER B 260 8.59 30.53 2.13
C SER B 260 7.13 30.34 1.73
N VAL B 261 6.84 29.32 0.91
CA VAL B 261 5.46 29.09 0.50
C VAL B 261 4.62 28.64 1.68
N LEU B 262 5.19 27.79 2.55
CA LEU B 262 4.43 27.29 3.69
C LEU B 262 4.05 28.42 4.65
N VAL B 263 4.94 29.41 4.80
CA VAL B 263 4.60 30.56 5.64
C VAL B 263 3.42 31.32 5.05
N MET B 264 3.37 31.45 3.74
CA MET B 264 2.23 32.12 3.12
C MET B 264 0.94 31.33 3.34
N MET B 265 1.01 30.01 3.22
CA MET B 265 -0.19 29.19 3.36
C MET B 265 -0.66 29.15 4.81
N LEU B 266 0.26 29.25 5.77
CA LEU B 266 -0.07 29.16 7.18
C LEU B 266 -0.27 30.53 7.81
N GLU B 267 -0.52 31.56 7.02
CA GLU B 267 -0.88 32.87 7.53
C GLU B 267 -2.15 32.77 8.38
N PRO B 268 -2.10 33.16 9.66
CA PRO B 268 -3.28 32.92 10.53
C PRO B 268 -4.48 33.74 10.14
N ASP B 269 -4.31 34.94 9.61
CA ASP B 269 -5.43 35.79 9.24
C ASP B 269 -5.93 35.41 7.86
N PRO B 270 -7.13 34.84 7.74
CA PRO B 270 -7.63 34.45 6.42
C PRO B 270 -7.81 35.63 5.48
N LYS B 271 -8.01 36.83 6.03
CA LYS B 271 -8.10 38.03 5.20
C LYS B 271 -6.81 38.27 4.44
N LEU B 272 -5.68 37.83 4.99
CA LEU B 272 -4.37 38.04 4.40
C LEU B 272 -3.76 36.78 3.80
N ARG B 273 -4.32 35.61 4.09
CA ARG B 273 -3.73 34.36 3.62
C ARG B 273 -3.81 34.28 2.09
N ALA B 274 -2.71 33.86 1.48
CA ALA B 274 -2.66 33.73 0.03
C ALA B 274 -3.71 32.74 -0.45
N THR B 275 -4.26 33.01 -1.63
CA THR B 275 -5.21 32.12 -2.25
C THR B 275 -4.49 31.09 -3.11
N ALA B 276 -5.24 30.06 -3.51
CA ALA B 276 -4.66 29.02 -4.36
C ALA B 276 -4.12 29.59 -5.66
N GLU B 277 -4.88 30.49 -6.28
CA GLU B 277 -4.42 31.11 -7.53
C GLU B 277 -3.19 31.96 -7.31
N ALA B 278 -3.15 32.72 -6.21
CA ALA B 278 -1.98 33.53 -5.92
C ALA B 278 -0.74 32.66 -5.72
N LEU B 279 -0.88 31.56 -4.99
CA LEU B 279 0.24 30.64 -4.80
C LEU B 279 0.71 30.08 -6.13
N LEU B 280 -0.23 29.66 -6.98
CA LEU B 280 0.12 29.10 -8.28
C LEU B 280 0.78 30.13 -9.20
N ALA B 281 0.63 31.42 -8.89
CA ALA B 281 1.28 32.47 -9.67
C ALA B 281 2.70 32.78 -9.19
N LEU B 282 3.15 32.15 -8.11
CA LEU B 282 4.50 32.35 -7.61
C LEU B 282 5.51 31.66 -8.53
N PRO B 283 6.75 32.18 -8.60
CA PRO B 283 7.75 31.57 -9.49
C PRO B 283 8.01 30.10 -9.21
N VAL B 284 8.08 29.70 -7.94
CA VAL B 284 8.42 28.31 -7.63
C VAL B 284 7.32 27.36 -8.07
N LEU B 285 6.07 27.82 -8.12
CA LEU B 285 4.94 26.95 -8.45
C LEU B 285 4.48 27.10 -9.89
N ARG B 286 5.22 27.80 -10.73
CA ARG B 286 4.88 27.78 -12.14
C ARG B 286 5.37 26.45 -12.71
N GLN B 287 4.54 25.82 -13.54
CA GLN B 287 4.74 24.46 -14.05
C GLN B 287 6.19 23.96 -14.14
O1 TLA C . 1.82 -27.72 -18.35
O11 TLA C . 2.14 -29.90 -18.77
C1 TLA C . 1.95 -28.70 -19.10
C2 TLA C . 1.88 -28.46 -20.62
O2 TLA C . 2.10 -29.68 -21.30
C3 TLA C . 2.89 -27.40 -21.04
O3 TLA C . 4.19 -27.69 -20.55
C4 TLA C . 2.93 -27.29 -22.58
O4 TLA C . 4.07 -27.23 -23.08
O41 TLA C . 1.84 -27.28 -23.18
O1 TLA D . -5.45 -10.02 4.83
O11 TLA D . -6.47 -9.23 6.65
C1 TLA D . -5.89 -9.12 5.54
C2 TLA D . -5.75 -7.67 5.05
O2 TLA D . -6.28 -6.78 6.01
C3 TLA D . -6.48 -7.51 3.71
O3 TLA D . -7.86 -7.67 3.90
C4 TLA D . -6.20 -6.13 3.09
O4 TLA D . -5.09 -6.02 2.51
O41 TLA D . -7.07 -5.26 3.21
C5 A1EJV E . 4.27 -9.08 6.08
C6 A1EJV E . 4.63 -10.34 6.58
C8 A1EJV E . 3.12 -8.96 5.29
C10 A1EJV E . 2.83 -11.33 5.57
C13 A1EJV E . 6.25 -11.71 7.99
C15 A1EJV E . 7.58 -13.74 7.99
C17 A1EJV E . 5.97 -13.34 9.75
C20 A1EJV E . 8.07 -12.45 6.24
C1 A1EJV E . 5.83 -10.40 7.41
C14 A1EJV E . 7.23 -12.52 7.38
C16 A1EJV E . 6.93 -14.12 9.15
C18 A1EJV E . 5.63 -12.14 9.16
C2 A1EJV E . 6.58 -9.25 7.60
C3 A1EJV E . 6.21 -7.97 7.06
C9 A1EJV E . 2.41 -10.11 5.04
F22 A1EJV E . 7.27 -15.30 9.72
N11 A1EJV E . 7.70 -9.27 8.35
N19 A1EJV E . 8.53 -14.30 7.22
N21 A1EJV E . 8.84 -13.52 6.15
N4 A1EJV E . 5.04 -7.96 6.37
N7 A1EJV E . 3.92 -11.45 6.32
O12 A1EJV E . 6.89 -6.95 7.16
CL23 A1EJV E . 0.97 -10.03 4.05
C1 EDO F . 27.19 -12.97 2.73
O1 EDO F . 26.41 -11.81 2.93
C2 EDO F . 27.57 -13.58 4.06
O2 EDO F . 28.20 -14.82 3.85
C1 EDO G . 3.76 -23.06 -1.59
O1 EDO G . 3.41 -23.58 -2.85
C2 EDO G . 3.57 -21.57 -1.59
O2 EDO G . 4.21 -21.03 -2.73
O1 TLA H . -3.95 27.66 23.52
O11 TLA H . -2.76 25.91 24.23
C1 TLA H . -3.71 26.44 23.62
C2 TLA H . -4.67 25.46 22.93
O2 TLA H . -5.29 26.09 21.83
C3 TLA H . -5.69 24.93 23.93
O3 TLA H . -6.25 25.98 24.67
C4 TLA H . -6.83 24.16 23.23
O4 TLA H . -6.46 23.28 22.41
O41 TLA H . -7.98 24.47 23.55
C1 EDO I . -10.39 13.77 15.34
O1 EDO I . -10.99 13.80 14.06
C2 EDO I . -9.14 12.93 15.27
O2 EDO I . -8.28 13.47 14.28
C5 A1EJV J . -8.42 5.25 -3.21
C6 A1EJV J . -9.76 5.68 -3.01
C8 A1EJV J . -7.72 4.75 -2.13
C10 A1EJV J . -9.65 5.12 -0.79
C13 A1EJV J . -11.88 6.64 -4.00
C15 A1EJV J . -13.59 8.33 -3.65
C17 A1EJV J . -14.20 6.01 -3.89
C20 A1EJV J . -11.56 9.23 -3.69
C1 A1EJV J . -10.46 6.20 -4.16
C14 A1EJV J . -12.23 7.99 -3.79
C16 A1EJV J . -14.54 7.33 -3.70
C18 A1EJV J . -12.88 5.67 -4.04
C2 A1EJV J . -9.80 6.31 -5.39
C3 A1EJV J . -8.43 5.89 -5.56
C9 A1EJV J . -8.34 4.68 -0.91
F22 A1EJV J . -15.84 7.67 -3.55
N11 A1EJV J . -10.40 6.80 -6.49
N19 A1EJV J . -13.64 9.67 -3.47
N21 A1EJV J . -12.40 10.23 -3.51
N4 A1EJV J . -7.84 5.35 -4.47
N7 A1EJV J . -10.35 5.61 -1.81
O12 A1EJV J . -7.79 5.99 -6.62
CL23 A1EJV J . -7.48 4.05 0.46
C1 EDO K . -13.02 33.28 0.81
O1 EDO K . -14.04 32.34 1.10
C2 EDO K . -11.78 32.97 1.61
O2 EDO K . -12.09 32.88 2.98
C1 EDO L . -15.71 22.54 12.18
O1 EDO L . -14.55 21.75 11.99
C2 EDO L . -15.34 23.79 12.92
O2 EDO L . -14.57 23.45 14.05
#